data_7YXL
#
_entry.id   7YXL
#
_cell.length_a   55.020
_cell.length_b   65.160
_cell.length_c   99.220
_cell.angle_alpha   90.000
_cell.angle_beta   100.770
_cell.angle_gamma   90.000
#
_symmetry.space_group_name_H-M   'P 1 21 1'
#
loop_
_entity.id
_entity.type
_entity.pdbx_description
1 polymer GH14974p
2 non-polymer 'MANGANESE (II) ION'
3 non-polymer 'MAGNESIUM ION'
4 non-polymer N-(CARBOXYCARBONYL)-D-PHENYLALANINE
5 non-polymer 1,2-ETHANEDIOL
6 non-polymer 'ACETATE ION'
7 water water
#
_entity_poly.entity_id   1
_entity_poly.type   'polypeptide(L)'
_entity_poly.pdbx_seq_one_letter_code
;GSHMASMSEVERALDVLLQEAEEL(CSO)IGSSVVELDRIPTALEFCREFYSKNQPVVIRKALNWPAIGKWTPKYLIEAL
GDRSVDVAITPNGYADGLATQNGQEYFVLPLETKMKLSEVVRRLDDPTGAVHYIQKQNSNLSVDLPELAADLRVSDLDFA
QQSFNKPPDAVNFWLGDERAVTSMHKDPYENVYCVISGHKDFVLIPPHQLSCVPRGIYPTGVYKTSDSGQFYIEPLRDEE
GSDQFTEWVSVDPLSPDLAKYPEYARAKPLKVRVHAGDILYLPNYWFHHVSQSHKCIAVNFWYDLDYDSRYCYYRMLEQM
TSARSG
;
_entity_poly.pdbx_strand_id   A,B
#
# COMPACT_ATOMS: atom_id res chain seq x y z
N SER A 6 11.28 -18.55 -24.40
CA SER A 6 10.61 -17.31 -23.92
C SER A 6 9.76 -17.59 -22.69
N MET A 7 9.09 -16.55 -22.19
CA MET A 7 8.26 -16.64 -21.01
C MET A 7 6.80 -16.37 -21.36
N SER A 8 5.90 -16.93 -20.56
CA SER A 8 4.49 -16.62 -20.68
C SER A 8 4.22 -15.21 -20.15
N GLU A 9 3.09 -14.64 -20.57
CA GLU A 9 2.69 -13.33 -20.10
C GLU A 9 2.78 -13.23 -18.58
N VAL A 10 2.15 -14.19 -17.88
CA VAL A 10 2.12 -14.16 -16.43
C VAL A 10 3.53 -14.25 -15.86
N GLU A 11 4.38 -15.09 -16.46
CA GLU A 11 5.74 -15.23 -15.97
C GLU A 11 6.51 -13.91 -16.10
N ARG A 12 6.36 -13.21 -17.23
CA ARG A 12 7.05 -11.94 -17.39
C ARG A 12 6.53 -10.91 -16.40
N ALA A 13 5.21 -10.89 -16.15
CA ALA A 13 4.66 -9.97 -15.18
C ALA A 13 5.22 -10.23 -13.78
N LEU A 14 5.22 -11.50 -13.36
CA LEU A 14 5.79 -11.85 -12.07
C LEU A 14 7.27 -11.47 -11.99
N ASP A 15 8.00 -11.70 -13.09
CA ASP A 15 9.41 -11.32 -13.13
C ASP A 15 9.58 -9.82 -12.93
N VAL A 16 8.70 -9.03 -13.53
CA VAL A 16 8.73 -7.58 -13.34
C VAL A 16 8.52 -7.25 -11.86
N LEU A 17 7.49 -7.84 -11.26
CA LEU A 17 7.20 -7.55 -9.86
C LEU A 17 8.41 -7.83 -8.98
N LEU A 18 9.01 -9.02 -9.14
CA LEU A 18 10.12 -9.39 -8.29
C LEU A 18 11.34 -8.52 -8.54
N GLN A 19 11.66 -8.27 -9.81
CA GLN A 19 12.81 -7.43 -10.14
C GLN A 19 12.65 -6.03 -9.56
N GLU A 20 11.46 -5.44 -9.69
CA GLU A 20 11.23 -4.10 -9.17
C GLU A 20 11.37 -4.08 -7.66
N ALA A 21 10.76 -5.05 -6.97
CA ALA A 21 10.89 -5.09 -5.52
C ALA A 21 12.34 -5.24 -5.09
N GLU A 22 13.09 -6.12 -5.77
CA GLU A 22 14.49 -6.34 -5.40
C GLU A 22 15.30 -5.07 -5.58
N GLU A 23 15.20 -4.42 -6.74
CA GLU A 23 15.97 -3.20 -6.97
C GLU A 23 15.61 -2.10 -5.98
N LEU A 24 14.36 -2.05 -5.53
CA LEU A 24 13.92 -1.05 -4.58
C LEU A 24 14.01 -1.48 -3.12
N ILE A 26 12.34 -3.68 -1.41
CA ILE A 26 11.03 -3.77 -0.76
C ILE A 26 10.98 -5.03 0.09
N GLY A 27 10.65 -4.87 1.37
CA GLY A 27 10.58 -6.02 2.25
C GLY A 27 11.84 -6.85 2.25
N SER A 28 13.00 -6.20 2.20
CA SER A 28 14.27 -6.88 2.10
C SER A 28 15.02 -6.96 3.42
N SER A 29 14.43 -6.48 4.51
CA SER A 29 15.05 -6.58 5.82
C SER A 29 14.00 -6.30 6.89
N VAL A 30 14.35 -6.62 8.12
CA VAL A 30 13.58 -6.21 9.29
C VAL A 30 14.30 -5.01 9.89
N VAL A 31 13.67 -3.85 9.87
CA VAL A 31 14.27 -2.67 10.49
C VAL A 31 14.44 -2.93 11.97
N GLU A 32 15.56 -2.43 12.53
CA GLU A 32 15.89 -2.65 13.93
C GLU A 32 16.02 -1.29 14.61
N LEU A 33 15.24 -1.09 15.67
CA LEU A 33 15.25 0.15 16.43
C LEU A 33 15.59 -0.13 17.88
N ASP A 34 16.30 0.80 18.50
CA ASP A 34 16.64 0.74 19.91
C ASP A 34 15.73 1.64 20.76
N ARG A 35 14.87 2.45 20.15
CA ARG A 35 13.93 3.28 20.87
C ARG A 35 12.57 3.21 20.20
N ILE A 36 11.53 3.25 21.01
CA ILE A 36 10.16 3.19 20.49
C ILE A 36 9.89 4.42 19.64
N PRO A 37 9.39 4.29 18.41
CA PRO A 37 9.10 5.47 17.59
C PRO A 37 7.83 6.17 18.02
N THR A 38 7.66 7.40 17.54
CA THR A 38 6.39 8.07 17.71
C THR A 38 5.32 7.37 16.86
N ALA A 39 4.06 7.68 17.17
CA ALA A 39 2.96 7.08 16.42
C ALA A 39 3.04 7.50 14.95
N LEU A 40 3.42 8.75 14.69
CA LEU A 40 3.53 9.23 13.32
C LEU A 40 4.67 8.52 12.59
N GLU A 41 5.82 8.38 13.23
CA GLU A 41 6.91 7.62 12.63
C GLU A 41 6.48 6.19 12.33
N PHE A 42 5.82 5.53 13.28
CA PHE A 42 5.40 4.16 13.03
C PHE A 42 4.45 4.08 11.84
N CYS A 43 3.48 5.00 11.78
CA CYS A 43 2.51 4.98 10.70
C CYS A 43 3.19 5.21 9.36
N ARG A 44 4.15 6.15 9.30
CA ARG A 44 4.77 6.51 8.04
C ARG A 44 5.76 5.45 7.57
N GLU A 45 6.57 4.92 8.48
CA GLU A 45 7.70 4.08 8.10
C GLU A 45 7.37 2.59 8.05
N PHE A 46 6.35 2.13 8.78
CA PHE A 46 6.13 0.71 8.92
C PHE A 46 4.70 0.29 8.56
N TYR A 47 3.70 0.94 9.16
CA TYR A 47 2.32 0.60 8.83
C TYR A 47 2.04 0.87 7.35
N SER A 48 2.29 2.10 6.91
CA SER A 48 1.91 2.48 5.55
C SER A 48 2.74 1.74 4.51
N LYS A 49 3.96 1.33 4.86
CA LYS A 49 4.82 0.62 3.93
C LYS A 49 4.74 -0.90 4.09
N ASN A 50 3.85 -1.39 4.97
CA ASN A 50 3.71 -2.82 5.18
C ASN A 50 5.06 -3.45 5.50
N GLN A 51 5.84 -2.75 6.33
CA GLN A 51 7.24 -3.06 6.56
C GLN A 51 7.44 -3.51 8.00
N PRO A 52 8.01 -4.70 8.24
CA PRO A 52 8.17 -5.18 9.62
C PRO A 52 9.25 -4.42 10.37
N VAL A 53 9.11 -4.36 11.70
CA VAL A 53 10.13 -3.66 12.49
C VAL A 53 10.25 -4.33 13.86
N VAL A 54 11.48 -4.41 14.38
CA VAL A 54 11.74 -4.95 15.71
C VAL A 54 12.36 -3.86 16.59
N ILE A 55 11.74 -3.61 17.73
CA ILE A 55 12.19 -2.63 18.71
C ILE A 55 12.79 -3.40 19.89
N ARG A 56 14.06 -3.12 20.18
CA ARG A 56 14.81 -3.87 21.18
C ARG A 56 14.60 -3.27 22.57
N LYS A 57 14.30 -4.14 23.54
CA LYS A 57 14.10 -3.73 24.93
C LYS A 57 13.10 -2.58 25.03
N ALA A 58 11.95 -2.79 24.39
CA ALA A 58 10.94 -1.73 24.31
C ALA A 58 10.05 -1.68 25.53
N LEU A 59 9.79 -2.83 26.13
CA LEU A 59 8.80 -2.95 27.20
C LEU A 59 9.49 -3.22 28.53
N ASN A 60 9.03 -2.53 29.57
CA ASN A 60 9.47 -2.75 30.93
C ASN A 60 8.37 -3.33 31.80
N TRP A 61 7.39 -3.97 31.17
CA TRP A 61 6.30 -4.61 31.90
C TRP A 61 6.84 -5.50 33.01
N PRO A 62 6.25 -5.48 34.20
CA PRO A 62 6.71 -6.38 35.27
C PRO A 62 6.71 -7.84 34.86
N ALA A 63 5.82 -8.23 33.96
CA ALA A 63 5.81 -9.60 33.45
C ALA A 63 7.18 -10.00 32.93
N ILE A 64 7.87 -9.08 32.25
CA ILE A 64 9.15 -9.42 31.63
C ILE A 64 10.18 -9.64 32.72
N GLY A 65 10.74 -10.84 32.76
CA GLY A 65 11.68 -11.23 33.79
C GLY A 65 11.06 -11.85 35.02
N LYS A 66 9.73 -11.85 35.12
CA LYS A 66 9.03 -12.48 36.22
C LYS A 66 8.24 -13.71 35.79
N TRP A 67 7.48 -13.61 34.70
CA TRP A 67 6.62 -14.71 34.29
C TRP A 67 7.46 -15.93 33.91
N THR A 68 7.18 -17.05 34.56
CA THR A 68 7.68 -18.37 34.19
C THR A 68 6.51 -19.33 34.45
N PRO A 69 6.61 -20.59 34.04
CA PRO A 69 5.51 -21.52 34.37
C PRO A 69 5.30 -21.69 35.86
N LYS A 70 6.39 -21.78 36.64
CA LYS A 70 6.27 -21.91 38.08
C LYS A 70 5.64 -20.66 38.68
N TYR A 71 6.07 -19.48 38.23
CA TYR A 71 5.50 -18.26 38.76
C TYR A 71 4.01 -18.19 38.45
N LEU A 72 3.61 -18.65 37.27
CA LEU A 72 2.19 -18.60 36.90
C LEU A 72 1.38 -19.59 37.73
N ILE A 73 1.92 -20.79 37.98
CA ILE A 73 1.23 -21.73 38.85
C ILE A 73 1.05 -21.13 40.24
N GLU A 74 2.10 -20.52 40.78
CA GLU A 74 2.00 -19.91 42.10
C GLU A 74 1.03 -18.73 42.10
N ALA A 75 0.96 -17.98 41.00
CA ALA A 75 0.15 -16.77 40.97
C ALA A 75 -1.33 -17.06 40.74
N LEU A 76 -1.65 -18.12 39.97
CA LEU A 76 -3.02 -18.43 39.61
C LEU A 76 -3.50 -19.77 40.15
N GLY A 77 -2.75 -20.39 41.07
CA GLY A 77 -3.08 -21.73 41.50
C GLY A 77 -2.90 -22.71 40.35
N ASP A 78 -3.09 -24.01 40.66
CA ASP A 78 -2.90 -25.08 39.68
C ASP A 78 -4.21 -25.35 38.92
N ARG A 79 -4.67 -24.33 38.20
CA ARG A 79 -5.94 -24.43 37.52
C ARG A 79 -5.80 -25.18 36.20
N SER A 80 -6.94 -25.57 35.65
CA SER A 80 -7.01 -26.33 34.41
C SER A 80 -7.01 -25.38 33.21
N VAL A 81 -6.08 -25.59 32.29
CA VAL A 81 -5.96 -24.74 31.12
C VAL A 81 -6.03 -25.60 29.86
N ASP A 82 -6.31 -24.93 28.75
CA ASP A 82 -6.34 -25.56 27.44
C ASP A 82 -4.92 -25.67 26.89
N VAL A 83 -4.57 -26.86 26.40
CA VAL A 83 -3.24 -27.16 25.90
C VAL A 83 -3.39 -27.87 24.55
N ALA A 84 -2.44 -27.58 23.67
CA ALA A 84 -2.34 -28.22 22.35
C ALA A 84 -1.16 -29.18 22.35
N ILE A 85 -1.37 -30.34 21.73
CA ILE A 85 -0.43 -31.46 21.79
C ILE A 85 -0.29 -32.03 20.39
N THR A 86 0.96 -32.26 19.98
CA THR A 86 1.24 -32.99 18.76
C THR A 86 2.35 -34.00 19.01
N PRO A 87 2.41 -35.06 18.22
CA PRO A 87 3.53 -36.00 18.36
C PRO A 87 4.82 -35.49 17.75
N ASN A 88 4.70 -34.59 16.77
CA ASN A 88 5.82 -34.18 15.95
C ASN A 88 6.24 -32.73 16.15
N GLY A 89 5.51 -31.97 16.98
CA GLY A 89 5.82 -30.57 17.19
C GLY A 89 5.33 -29.62 16.13
N TYR A 90 4.44 -30.07 15.25
CA TYR A 90 3.94 -29.25 14.15
C TYR A 90 2.42 -29.15 14.24
N ALA A 91 1.94 -28.36 15.19
CA ALA A 91 0.54 -27.99 15.23
C ALA A 91 0.23 -27.06 14.05
N ASP A 92 -0.88 -27.30 13.37
CA ASP A 92 -1.18 -26.64 12.11
C ASP A 92 -0.01 -26.81 11.14
N GLY A 93 0.28 -28.08 10.84
CA GLY A 93 1.47 -28.39 10.08
C GLY A 93 1.29 -29.67 9.28
N LEU A 94 2.17 -29.85 8.30
CA LEU A 94 2.08 -31.01 7.42
C LEU A 94 2.70 -32.24 8.08
N ALA A 95 2.06 -33.39 7.88
CA ALA A 95 2.59 -34.64 8.38
C ALA A 95 1.98 -35.77 7.57
N THR A 96 2.73 -36.85 7.40
CA THR A 96 2.27 -37.98 6.61
C THR A 96 1.79 -39.13 7.49
N GLN A 97 0.83 -39.88 6.96
CA GLN A 97 0.31 -41.08 7.60
C GLN A 97 -0.15 -42.01 6.49
N ASN A 98 0.34 -43.24 6.53
CA ASN A 98 -0.07 -44.27 5.57
C ASN A 98 0.11 -43.79 4.14
N GLY A 99 1.20 -43.05 3.90
CA GLY A 99 1.55 -42.59 2.58
C GLY A 99 0.88 -41.31 2.13
N GLN A 100 -0.02 -40.76 2.93
CA GLN A 100 -0.76 -39.56 2.57
C GLN A 100 -0.30 -38.38 3.41
N GLU A 101 -0.12 -37.22 2.78
CA GLU A 101 0.26 -36.02 3.49
C GLU A 101 -0.98 -35.22 3.88
N TYR A 102 -1.10 -34.90 5.17
CA TYR A 102 -2.21 -34.13 5.69
C TYR A 102 -1.70 -32.81 6.27
N PHE A 103 -2.56 -31.80 6.24
CA PHE A 103 -2.43 -30.65 7.12
C PHE A 103 -3.14 -31.00 8.42
N VAL A 104 -2.41 -30.97 9.53
CA VAL A 104 -2.90 -31.51 10.79
C VAL A 104 -2.99 -30.39 11.82
N LEU A 105 -4.13 -30.35 12.50
CA LEU A 105 -4.52 -29.55 13.65
C LEU A 105 -4.09 -30.24 14.95
N PRO A 106 -3.76 -29.47 15.98
CA PRO A 106 -3.30 -30.10 17.22
C PRO A 106 -4.42 -30.81 17.96
N LEU A 107 -4.03 -31.81 18.74
CA LEU A 107 -4.93 -32.36 19.74
C LEU A 107 -5.12 -31.32 20.85
N GLU A 108 -6.36 -30.90 21.08
CA GLU A 108 -6.64 -29.89 22.08
C GLU A 108 -7.32 -30.55 23.27
N THR A 109 -6.82 -30.26 24.46
CA THR A 109 -7.37 -30.85 25.67
C THR A 109 -7.23 -29.86 26.81
N LYS A 110 -7.82 -30.21 27.95
CA LYS A 110 -7.64 -29.47 29.18
C LYS A 110 -6.77 -30.29 30.12
N MET A 111 -5.85 -29.63 30.81
CA MET A 111 -5.11 -30.30 31.87
C MET A 111 -4.60 -29.25 32.84
N LYS A 112 -4.22 -29.72 34.03
CA LYS A 112 -3.77 -28.82 35.08
C LYS A 112 -2.41 -28.24 34.75
N LEU A 113 -2.23 -26.95 35.07
CA LEU A 113 -0.98 -26.26 34.80
C LEU A 113 0.22 -27.08 35.28
N SER A 114 0.13 -27.67 36.47
CA SER A 114 1.23 -28.45 36.99
C SER A 114 1.54 -29.64 36.10
N GLU A 115 0.51 -30.30 35.57
CA GLU A 115 0.73 -31.41 34.65
C GLU A 115 1.37 -30.93 33.36
N VAL A 116 0.97 -29.74 32.89
CA VAL A 116 1.63 -29.15 31.73
C VAL A 116 3.10 -28.93 32.01
N VAL A 117 3.43 -28.42 33.20
CA VAL A 117 4.82 -28.19 33.56
C VAL A 117 5.58 -29.51 33.58
N ARG A 118 4.95 -30.57 34.09
CA ARG A 118 5.60 -31.88 34.13
C ARG A 118 5.86 -32.39 32.72
N ARG A 119 4.90 -32.22 31.81
CA ARG A 119 5.09 -32.70 30.44
C ARG A 119 6.06 -31.82 29.67
N LEU A 120 6.19 -30.56 30.05
CA LEU A 120 7.20 -29.67 29.46
C LEU A 120 8.60 -30.13 29.83
N ASP A 121 8.74 -30.81 30.98
CA ASP A 121 10.00 -31.33 31.46
C ASP A 121 10.23 -32.77 31.03
N ASP A 122 9.51 -33.24 30.01
CA ASP A 122 9.51 -34.66 29.62
C ASP A 122 9.58 -34.78 28.10
N PRO A 123 10.75 -34.55 27.50
CA PRO A 123 10.84 -34.66 26.04
C PRO A 123 10.80 -36.07 25.48
N THR A 124 10.69 -37.12 26.32
CA THR A 124 10.28 -38.40 25.78
C THR A 124 8.81 -38.38 25.38
N GLY A 125 8.02 -37.47 25.96
CA GLY A 125 6.62 -37.36 25.66
C GLY A 125 6.35 -36.45 24.47
N ALA A 126 5.06 -36.23 24.23
CA ALA A 126 4.60 -35.44 23.10
C ALA A 126 4.84 -33.95 23.35
N VAL A 127 4.67 -33.16 22.29
CA VAL A 127 4.98 -31.74 22.32
C VAL A 127 3.73 -30.97 22.73
N HIS A 128 3.88 -30.11 23.75
CA HIS A 128 2.78 -29.38 24.35
C HIS A 128 3.00 -27.88 24.24
N TYR A 129 1.89 -27.13 24.14
CA TYR A 129 1.95 -25.69 24.39
C TYR A 129 0.58 -25.20 24.81
N ILE A 130 0.58 -24.21 25.69
CA ILE A 130 -0.62 -23.52 26.13
C ILE A 130 -0.84 -22.31 25.23
N GLN A 131 -2.09 -22.12 24.81
CA GLN A 131 -2.52 -20.92 24.11
C GLN A 131 -3.81 -20.43 24.74
N LYS A 132 -3.89 -19.12 24.93
CA LYS A 132 -5.05 -18.47 25.57
C LYS A 132 -5.42 -17.25 24.74
N GLN A 133 -6.66 -17.20 24.25
CA GLN A 133 -7.12 -16.08 23.45
C GLN A 133 -8.21 -15.31 24.18
N ASN A 134 -8.29 -14.02 23.88
CA ASN A 134 -9.31 -13.15 24.48
C ASN A 134 -9.89 -12.22 23.43
N LEU A 141 -8.36 -12.16 35.27
CA LEU A 141 -6.95 -12.37 35.60
C LEU A 141 -6.43 -11.21 36.45
N PRO A 142 -7.05 -10.96 37.60
CA PRO A 142 -6.59 -9.86 38.45
C PRO A 142 -5.17 -10.04 38.96
N GLU A 143 -4.69 -11.28 39.08
CA GLU A 143 -3.32 -11.49 39.53
C GLU A 143 -2.30 -11.18 38.44
N LEU A 144 -2.72 -11.06 37.18
CA LEU A 144 -1.80 -10.94 36.06
C LEU A 144 -2.02 -9.70 35.19
N ALA A 145 -3.22 -9.11 35.17
CA ALA A 145 -3.43 -7.91 34.36
C ALA A 145 -2.53 -6.79 34.84
N ALA A 146 -2.16 -6.78 36.12
CA ALA A 146 -1.27 -5.78 36.67
C ALA A 146 0.12 -5.83 36.05
N ASP A 147 0.52 -6.97 35.49
CA ASP A 147 1.89 -7.16 35.02
C ASP A 147 2.12 -6.64 33.60
N LEU A 148 1.09 -6.18 32.90
CA LEU A 148 1.22 -5.66 31.56
C LEU A 148 0.56 -4.29 31.49
N ARG A 149 1.05 -3.44 30.59
CA ARG A 149 0.46 -2.13 30.32
C ARG A 149 0.28 -2.02 28.81
N VAL A 150 -0.93 -2.38 28.33
CA VAL A 150 -1.19 -2.43 26.91
C VAL A 150 -1.05 -1.05 26.26
N SER A 151 -1.36 0.01 27.01
CA SER A 151 -1.26 1.36 26.45
C SER A 151 0.14 1.66 25.93
N ASP A 152 1.15 0.94 26.41
CA ASP A 152 2.52 1.15 25.93
C ASP A 152 2.66 0.87 24.44
N LEU A 153 1.73 0.12 23.86
CA LEU A 153 1.76 -0.19 22.43
C LEU A 153 0.98 0.81 21.60
N ASP A 154 0.48 1.90 22.21
CA ASP A 154 -0.32 2.88 21.48
C ASP A 154 0.42 3.39 20.25
N PHE A 155 1.75 3.55 20.35
CA PHE A 155 2.54 4.10 19.25
C PHE A 155 2.28 3.33 17.96
N ALA A 156 1.90 2.06 18.05
CA ALA A 156 1.51 1.29 16.87
C ALA A 156 0.00 1.20 16.71
N GLN A 157 -0.72 1.07 17.83
CA GLN A 157 -2.16 0.89 17.76
C GLN A 157 -2.83 2.08 17.09
N GLN A 158 -2.25 3.27 17.23
CA GLN A 158 -2.83 4.46 16.62
C GLN A 158 -2.83 4.40 15.10
N SER A 159 -1.97 3.58 14.50
CA SER A 159 -2.05 3.37 13.06
C SER A 159 -3.26 2.51 12.70
N PHE A 160 -3.63 1.57 13.58
CA PHE A 160 -4.77 0.71 13.33
C PHE A 160 -6.07 1.34 13.78
N ASN A 161 -6.01 2.23 14.77
CA ASN A 161 -7.15 3.02 15.20
C ASN A 161 -8.35 2.15 15.55
N LYS A 162 -8.06 0.98 16.13
CA LYS A 162 -9.10 0.06 16.57
C LYS A 162 -8.57 -0.78 17.72
N PRO A 163 -9.43 -1.30 18.57
CA PRO A 163 -8.96 -2.21 19.63
C PRO A 163 -8.53 -3.53 19.02
N PRO A 164 -7.72 -4.32 19.73
CA PRO A 164 -7.28 -5.60 19.18
C PRO A 164 -8.46 -6.51 18.90
N ASP A 165 -8.42 -7.16 17.74
CA ASP A 165 -9.31 -8.29 17.51
C ASP A 165 -9.02 -9.40 18.50
N ALA A 166 -7.75 -9.61 18.82
CA ALA A 166 -7.41 -10.74 19.68
C ALA A 166 -6.13 -10.45 20.45
N VAL A 167 -6.04 -11.02 21.64
CA VAL A 167 -4.83 -10.98 22.45
C VAL A 167 -4.51 -12.42 22.82
N ASN A 168 -3.35 -12.90 22.38
CA ASN A 168 -2.97 -14.30 22.56
C ASN A 168 -1.81 -14.40 23.53
N PHE A 169 -1.91 -15.40 24.40
CA PHE A 169 -0.85 -15.81 25.32
C PHE A 169 -0.35 -17.18 24.88
N TRP A 170 0.97 -17.32 24.76
CA TRP A 170 1.60 -18.54 24.29
C TRP A 170 2.70 -18.96 25.26
N LEU A 171 2.69 -20.23 25.64
CA LEU A 171 3.76 -20.80 26.46
C LEU A 171 3.98 -22.24 26.00
N GLY A 172 5.17 -22.57 25.50
CA GLY A 172 5.30 -23.85 24.86
C GLY A 172 6.67 -24.49 24.91
N ASP A 173 6.70 -25.72 24.42
CA ASP A 173 7.93 -26.49 24.27
C ASP A 173 8.81 -25.89 23.18
N GLU A 174 10.13 -26.05 23.35
CA GLU A 174 11.05 -25.63 22.30
C GLU A 174 10.83 -26.40 21.02
N ARG A 175 10.24 -27.60 21.11
CA ARG A 175 9.98 -28.44 19.96
C ARG A 175 8.71 -28.03 19.22
N ALA A 176 7.94 -27.08 19.74
CA ALA A 176 6.72 -26.63 19.08
C ALA A 176 7.11 -25.64 18.00
N VAL A 177 7.05 -26.06 16.74
CA VAL A 177 7.37 -25.22 15.60
C VAL A 177 6.08 -24.82 14.90
N THR A 178 5.96 -23.55 14.56
CA THR A 178 4.82 -23.03 13.82
C THR A 178 5.21 -22.92 12.35
N SER A 179 4.59 -23.75 11.50
CA SER A 179 4.95 -23.79 10.10
C SER A 179 4.48 -22.52 9.39
N MET A 180 5.04 -22.29 8.20
CA MET A 180 4.89 -21.01 7.54
C MET A 180 3.45 -20.76 7.10
N HIS A 181 2.92 -19.59 7.46
CA HIS A 181 1.58 -19.18 7.09
C HIS A 181 1.54 -17.65 7.07
N LYS A 182 0.38 -17.10 6.72
CA LYS A 182 0.15 -15.66 6.88
C LYS A 182 -1.22 -15.43 7.50
N ASP A 183 -1.42 -14.24 8.04
CA ASP A 183 -2.63 -13.88 8.75
C ASP A 183 -3.23 -12.61 8.20
N PRO A 184 -4.55 -12.44 8.30
CA PRO A 184 -5.17 -11.18 7.87
C PRO A 184 -5.19 -10.14 8.98
N TYR A 185 -4.11 -10.08 9.77
CA TYR A 185 -4.05 -9.16 10.90
C TYR A 185 -2.74 -8.39 10.87
N GLU A 186 -2.78 -7.17 11.40
CA GLU A 186 -1.58 -6.50 11.88
C GLU A 186 -1.22 -7.12 13.23
N ASN A 187 0.03 -7.50 13.42
CA ASN A 187 0.43 -8.27 14.60
C ASN A 187 1.53 -7.53 15.36
N VAL A 188 1.23 -7.18 16.60
CA VAL A 188 2.23 -6.64 17.51
C VAL A 188 2.60 -7.74 18.49
N TYR A 189 3.84 -8.21 18.41
CA TYR A 189 4.29 -9.43 19.06
C TYR A 189 5.30 -9.06 20.13
N CYS A 190 5.02 -9.44 21.38
CA CYS A 190 5.86 -9.12 22.53
C CYS A 190 6.27 -10.41 23.21
N VAL A 191 7.58 -10.67 23.23
CA VAL A 191 8.12 -11.82 23.95
C VAL A 191 8.31 -11.44 25.41
N ILE A 192 7.78 -12.26 26.31
CA ILE A 192 7.87 -12.00 27.75
C ILE A 192 9.08 -12.70 28.35
N SER A 193 9.29 -13.96 27.98
CA SER A 193 10.36 -14.78 28.55
C SER A 193 10.92 -15.68 27.46
N GLY A 194 12.25 -15.65 27.29
CA GLY A 194 12.90 -16.46 26.28
C GLY A 194 13.08 -15.71 24.98
N HIS A 195 13.03 -16.41 23.85
CA HIS A 195 13.17 -15.77 22.56
C HIS A 195 12.42 -16.56 21.50
N LYS A 196 11.93 -15.83 20.50
CA LYS A 196 11.25 -16.40 19.34
C LYS A 196 12.10 -16.15 18.09
N ASP A 197 12.18 -17.13 17.21
CA ASP A 197 12.92 -17.00 15.96
C ASP A 197 11.92 -17.01 14.80
N PHE A 198 11.87 -15.90 14.06
CA PHE A 198 10.96 -15.73 12.94
C PHE A 198 11.71 -15.83 11.62
N VAL A 199 11.13 -16.58 10.68
CA VAL A 199 11.49 -16.54 9.27
C VAL A 199 10.31 -15.87 8.54
N LEU A 200 10.57 -14.74 7.90
CA LEU A 200 9.53 -13.92 7.28
C LEU A 200 9.73 -13.85 5.78
N ILE A 201 8.62 -13.85 5.04
CA ILE A 201 8.68 -13.65 3.58
C ILE A 201 7.61 -12.63 3.20
N PRO A 202 7.97 -11.57 2.46
CA PRO A 202 6.99 -10.53 2.15
C PRO A 202 5.90 -11.07 1.24
N PRO A 203 4.70 -10.46 1.29
CA PRO A 203 3.59 -11.00 0.47
C PRO A 203 3.88 -11.02 -1.02
N HIS A 204 4.53 -9.97 -1.56
CA HIS A 204 4.75 -9.86 -3.00
C HIS A 204 5.64 -10.97 -3.54
N GLN A 205 6.31 -11.74 -2.67
CA GLN A 205 7.11 -12.89 -3.08
C GLN A 205 6.28 -14.17 -3.08
N LEU A 206 4.95 -14.06 -3.16
CA LEU A 206 4.09 -15.23 -3.15
C LEU A 206 4.48 -16.24 -4.22
N SER A 207 4.82 -15.76 -5.42
CA SER A 207 5.13 -16.68 -6.51
C SER A 207 6.34 -17.56 -6.21
N CYS A 208 7.14 -17.19 -5.21
CA CYS A 208 8.31 -17.97 -4.82
C CYS A 208 8.02 -18.98 -3.71
N VAL A 209 6.80 -18.99 -3.17
CA VAL A 209 6.47 -19.82 -2.02
C VAL A 209 5.49 -20.89 -2.48
N PRO A 210 5.91 -22.15 -2.61
CA PRO A 210 5.00 -23.18 -3.08
C PRO A 210 3.91 -23.49 -2.06
N ARG A 211 2.70 -23.69 -2.58
CA ARG A 211 1.53 -24.00 -1.78
C ARG A 211 0.82 -25.20 -2.39
N GLY A 212 0.27 -26.06 -1.52
CA GLY A 212 -0.47 -27.22 -1.97
C GLY A 212 -1.84 -27.25 -1.33
N ILE A 213 -2.66 -28.18 -1.81
CA ILE A 213 -3.98 -28.46 -1.24
C ILE A 213 -3.88 -29.81 -0.55
N TYR A 214 -4.24 -29.87 0.72
CA TYR A 214 -4.00 -31.03 1.54
C TYR A 214 -5.27 -31.47 2.26
N PRO A 215 -5.52 -32.77 2.36
CA PRO A 215 -6.59 -33.23 3.25
C PRO A 215 -6.31 -32.76 4.67
N THR A 216 -7.35 -32.38 5.38
CA THR A 216 -7.22 -31.86 6.73
C THR A 216 -7.42 -32.97 7.74
N GLY A 217 -6.59 -32.97 8.79
CA GLY A 217 -6.72 -33.95 9.85
C GLY A 217 -6.48 -33.30 11.20
N VAL A 218 -6.73 -34.08 12.24
CA VAL A 218 -6.47 -33.66 13.61
C VAL A 218 -5.80 -34.81 14.35
N TYR A 219 -4.87 -34.48 15.25
CA TYR A 219 -4.21 -35.52 16.03
C TYR A 219 -5.15 -36.07 17.09
N LYS A 220 -5.14 -37.41 17.24
CA LYS A 220 -5.81 -38.09 18.33
C LYS A 220 -4.87 -39.13 18.92
N THR A 221 -5.22 -39.64 20.10
CA THR A 221 -4.52 -40.77 20.69
C THR A 221 -5.45 -41.98 20.69
N SER A 222 -4.89 -43.14 20.37
CA SER A 222 -5.64 -44.38 20.42
C SER A 222 -5.87 -44.80 21.88
N ASP A 223 -6.66 -45.85 22.05
CA ASP A 223 -6.91 -46.38 23.39
C ASP A 223 -5.61 -46.86 24.05
N SER A 224 -4.58 -47.13 23.27
CA SER A 224 -3.29 -47.55 23.80
C SER A 224 -2.29 -46.41 23.89
N GLY A 225 -2.69 -45.18 23.58
CA GLY A 225 -1.84 -44.02 23.73
C GLY A 225 -1.06 -43.60 22.50
N GLN A 226 -1.19 -44.32 21.39
CA GLN A 226 -0.45 -43.99 20.19
C GLN A 226 -1.15 -42.86 19.44
N PHE A 227 -0.36 -41.86 19.01
CA PHE A 227 -0.91 -40.77 18.21
C PHE A 227 -1.21 -41.26 16.81
N TYR A 228 -2.29 -40.72 16.23
CA TYR A 228 -2.60 -40.91 14.82
C TYR A 228 -3.33 -39.67 14.34
N ILE A 229 -3.58 -39.62 13.03
CA ILE A 229 -4.24 -38.50 12.38
C ILE A 229 -5.64 -38.96 11.97
N GLU A 230 -6.66 -38.25 12.47
N GLU A 230 -6.65 -38.25 12.46
CA GLU A 230 -8.02 -38.52 12.08
CA GLU A 230 -8.03 -38.52 12.08
C GLU A 230 -8.46 -37.50 11.04
C GLU A 230 -8.46 -37.49 11.04
N PRO A 231 -8.84 -37.90 9.83
CA PRO A 231 -9.28 -36.92 8.83
C PRO A 231 -10.53 -36.19 9.28
N LEU A 232 -10.64 -34.93 8.87
CA LEU A 232 -11.79 -34.11 9.18
C LEU A 232 -12.81 -34.22 8.05
N ARG A 233 -14.07 -34.48 8.42
CA ARG A 233 -15.17 -34.60 7.49
C ARG A 233 -16.32 -33.73 7.97
N ASP A 234 -17.08 -33.17 7.03
CA ASP A 234 -18.27 -32.42 7.40
C ASP A 234 -19.46 -33.37 7.54
N GLU A 235 -20.54 -32.86 8.12
CA GLU A 235 -21.73 -33.67 8.37
C GLU A 235 -22.18 -34.35 7.08
N GLU A 236 -22.33 -35.67 7.14
CA GLU A 236 -22.74 -36.49 6.00
C GLU A 236 -22.06 -36.03 4.72
N GLY A 237 -20.73 -36.12 4.71
CA GLY A 237 -20.03 -35.59 3.56
C GLY A 237 -18.56 -35.95 3.51
N SER A 238 -17.91 -35.41 2.48
CA SER A 238 -16.57 -35.79 2.06
C SER A 238 -15.50 -35.13 2.93
N ASP A 239 -14.24 -35.42 2.59
CA ASP A 239 -13.09 -34.93 3.33
C ASP A 239 -12.91 -33.42 3.09
N GLN A 240 -12.40 -32.74 4.12
CA GLN A 240 -12.10 -31.32 4.02
C GLN A 240 -10.66 -31.14 3.55
N PHE A 241 -10.41 -30.01 2.88
CA PHE A 241 -9.08 -29.68 2.39
C PHE A 241 -8.68 -28.28 2.83
N THR A 242 -7.36 -28.08 2.89
CA THR A 242 -6.76 -26.83 3.31
C THR A 242 -5.60 -26.51 2.38
N GLU A 243 -5.54 -25.29 1.89
CA GLU A 243 -4.34 -24.83 1.19
C GLU A 243 -3.28 -24.46 2.22
N TRP A 244 -2.06 -24.91 1.99
CA TRP A 244 -0.99 -24.66 2.96
C TRP A 244 0.34 -24.55 2.24
N VAL A 245 1.20 -23.67 2.77
CA VAL A 245 2.57 -23.58 2.28
C VAL A 245 3.26 -24.92 2.44
N SER A 246 3.96 -25.35 1.40
CA SER A 246 4.54 -26.68 1.35
C SER A 246 6.05 -26.69 1.57
N VAL A 247 6.69 -25.54 1.65
CA VAL A 247 8.14 -25.48 1.83
C VAL A 247 8.46 -25.41 3.32
N ASP A 248 9.59 -26.04 3.70
CA ASP A 248 10.14 -25.95 5.04
C ASP A 248 11.26 -24.94 5.02
N PRO A 249 11.09 -23.73 5.59
CA PRO A 249 12.15 -22.72 5.46
C PRO A 249 13.44 -23.12 6.15
N LEU A 250 13.41 -24.09 7.06
CA LEU A 250 14.63 -24.55 7.71
C LEU A 250 15.39 -25.57 6.88
N SER A 251 14.69 -26.28 5.98
CA SER A 251 15.32 -27.27 5.11
C SER A 251 14.60 -27.29 3.78
N PRO A 252 14.70 -26.19 3.01
CA PRO A 252 13.93 -26.10 1.75
C PRO A 252 14.48 -27.05 0.69
N ASP A 253 13.56 -27.78 0.05
CA ASP A 253 13.91 -28.71 -1.02
C ASP A 253 13.90 -27.94 -2.33
N LEU A 254 15.05 -27.37 -2.69
CA LEU A 254 15.14 -26.54 -3.89
C LEU A 254 15.03 -27.37 -5.17
N ALA A 255 15.23 -28.69 -5.09
CA ALA A 255 14.98 -29.54 -6.24
C ALA A 255 13.49 -29.67 -6.51
N LYS A 256 12.69 -29.76 -5.45
CA LYS A 256 11.24 -29.88 -5.58
C LYS A 256 10.57 -28.53 -5.81
N TYR A 257 11.16 -27.46 -5.28
CA TYR A 257 10.55 -26.13 -5.30
C TYR A 257 11.60 -25.11 -5.74
N PRO A 258 12.04 -25.19 -7.00
CA PRO A 258 13.09 -24.28 -7.46
C PRO A 258 12.70 -22.82 -7.34
N GLU A 259 11.42 -22.50 -7.45
CA GLU A 259 11.00 -21.10 -7.35
C GLU A 259 11.37 -20.50 -6.01
N TYR A 260 11.45 -21.33 -4.96
CA TYR A 260 11.83 -20.83 -3.64
C TYR A 260 13.23 -20.24 -3.64
N ALA A 261 14.09 -20.63 -4.58
CA ALA A 261 15.41 -20.03 -4.67
C ALA A 261 15.33 -18.53 -4.89
N ARG A 262 14.22 -18.03 -5.44
CA ARG A 262 14.08 -16.62 -5.71
C ARG A 262 13.51 -15.85 -4.54
N ALA A 263 13.01 -16.53 -3.52
CA ALA A 263 12.58 -15.85 -2.31
C ALA A 263 13.79 -15.35 -1.52
N LYS A 264 13.58 -14.28 -0.75
CA LYS A 264 14.61 -13.70 0.11
C LYS A 264 14.10 -13.70 1.56
N PRO A 265 14.07 -14.86 2.21
CA PRO A 265 13.54 -14.92 3.57
C PRO A 265 14.39 -14.10 4.54
N LEU A 266 13.72 -13.52 5.52
CA LEU A 266 14.35 -12.71 6.55
C LEU A 266 14.30 -13.43 7.88
N LYS A 267 15.39 -13.43 8.62
CA LYS A 267 15.44 -14.11 9.91
C LYS A 267 15.67 -13.09 11.00
N VAL A 268 14.82 -13.12 12.03
CA VAL A 268 14.95 -12.20 13.16
C VAL A 268 14.63 -12.92 14.46
N ARG A 269 15.43 -12.65 15.47
CA ARG A 269 15.23 -13.20 16.81
C ARG A 269 14.68 -12.10 17.71
N VAL A 270 13.54 -12.39 18.35
CA VAL A 270 12.84 -11.47 19.23
C VAL A 270 13.06 -11.93 20.66
N HIS A 271 13.69 -11.09 21.47
CA HIS A 271 14.04 -11.43 22.84
C HIS A 271 13.02 -10.87 23.82
N ALA A 272 13.13 -11.30 25.07
CA ALA A 272 12.25 -10.82 26.13
C ALA A 272 12.36 -9.30 26.25
N GLY A 273 11.23 -8.60 26.11
CA GLY A 273 11.20 -7.16 26.10
C GLY A 273 11.20 -6.54 24.72
N ASP A 274 11.46 -7.33 23.68
CA ASP A 274 11.42 -6.83 22.31
C ASP A 274 9.98 -6.81 21.80
N ILE A 275 9.72 -5.91 20.86
CA ILE A 275 8.47 -5.88 20.12
C ILE A 275 8.77 -6.13 18.65
N LEU A 276 8.02 -7.01 18.02
CA LEU A 276 8.08 -7.21 16.57
C LEU A 276 6.73 -6.80 15.98
N TYR A 277 6.77 -5.87 15.04
CA TYR A 277 5.62 -5.56 14.20
C TYR A 277 5.72 -6.43 12.96
N LEU A 278 4.78 -7.39 12.87
CA LEU A 278 4.58 -8.32 11.77
C LEU A 278 3.40 -7.82 10.94
N PRO A 279 3.64 -7.22 9.78
CA PRO A 279 2.54 -6.61 9.01
C PRO A 279 1.62 -7.65 8.40
N ASN A 280 0.45 -7.19 7.97
CA ASN A 280 -0.58 -8.10 7.48
C ASN A 280 -0.11 -8.83 6.24
N TYR A 281 -0.44 -10.13 6.19
CA TYR A 281 -0.20 -11.03 5.06
C TYR A 281 1.26 -11.38 4.82
N TRP A 282 2.17 -10.95 5.70
CA TRP A 282 3.54 -11.44 5.64
C TRP A 282 3.58 -12.91 6.06
N PHE A 283 4.24 -13.75 5.25
CA PHE A 283 4.47 -15.13 5.64
C PHE A 283 5.41 -15.18 6.85
N HIS A 284 5.08 -15.99 7.85
CA HIS A 284 5.99 -16.19 8.96
C HIS A 284 6.01 -17.65 9.41
N HIS A 285 7.21 -18.10 9.77
CA HIS A 285 7.50 -19.40 10.37
C HIS A 285 8.18 -19.12 11.69
N VAL A 286 7.75 -19.78 12.76
CA VAL A 286 8.17 -19.39 14.10
C VAL A 286 8.69 -20.60 14.87
N SER A 287 9.84 -20.41 15.53
CA SER A 287 10.41 -21.32 16.52
C SER A 287 10.63 -20.55 17.82
N GLN A 288 11.01 -21.24 18.89
CA GLN A 288 11.28 -20.53 20.13
C GLN A 288 12.07 -21.38 21.10
N SER A 289 12.63 -20.72 22.12
CA SER A 289 13.33 -21.38 23.20
C SER A 289 12.34 -22.17 24.07
N HIS A 290 12.90 -22.99 24.96
CA HIS A 290 12.08 -23.86 25.79
C HIS A 290 11.36 -23.06 26.87
N LYS A 291 10.07 -23.31 27.01
CA LYS A 291 9.21 -22.59 27.95
C LYS A 291 9.14 -21.10 27.64
N CYS A 292 9.46 -20.71 26.40
CA CYS A 292 9.25 -19.34 25.98
C CYS A 292 7.83 -18.90 26.30
N ILE A 293 7.68 -17.65 26.70
CA ILE A 293 6.38 -17.05 26.93
C ILE A 293 6.24 -15.82 26.05
N ALA A 294 5.07 -15.64 25.47
CA ALA A 294 4.85 -14.47 24.63
C ALA A 294 3.38 -14.08 24.65
N VAL A 295 3.13 -12.81 24.37
CA VAL A 295 1.78 -12.31 24.14
C VAL A 295 1.81 -11.50 22.84
N ASN A 296 0.72 -11.58 22.08
CA ASN A 296 0.66 -10.79 20.86
C ASN A 296 -0.76 -10.27 20.66
N PHE A 297 -0.85 -9.23 19.83
CA PHE A 297 -2.06 -8.46 19.62
C PHE A 297 -2.38 -8.43 18.14
N TRP A 298 -3.56 -8.94 17.78
CA TRP A 298 -4.04 -9.00 16.41
C TRP A 298 -5.10 -7.93 16.18
N TYR A 299 -4.89 -7.14 15.14
CA TYR A 299 -5.83 -6.10 14.70
C TYR A 299 -6.27 -6.42 13.27
N ASP A 300 -7.58 -6.36 13.02
CA ASP A 300 -8.05 -6.58 11.65
C ASP A 300 -7.40 -5.56 10.72
N LEU A 301 -7.05 -6.02 9.52
CA LEU A 301 -6.35 -5.16 8.58
C LEU A 301 -7.32 -4.17 7.94
N ASP A 302 -6.75 -3.07 7.47
CA ASP A 302 -7.50 -2.03 6.77
C ASP A 302 -7.29 -2.20 5.28
N TYR A 303 -8.34 -2.60 4.56
CA TYR A 303 -8.21 -2.96 3.16
C TYR A 303 -7.87 -1.75 2.30
N ASP A 304 -6.91 -1.93 1.40
CA ASP A 304 -6.62 -0.97 0.35
C ASP A 304 -6.24 -1.79 -0.89
N SER A 305 -5.53 -1.17 -1.83
CA SER A 305 -5.27 -1.85 -3.09
C SER A 305 -4.25 -2.98 -2.96
N ARG A 306 -3.44 -2.96 -1.90
N ARG A 306 -3.44 -2.97 -1.89
CA ARG A 306 -2.49 -4.04 -1.69
CA ARG A 306 -2.48 -4.06 -1.71
C ARG A 306 -3.19 -5.39 -1.58
C ARG A 306 -3.18 -5.40 -1.57
N TYR A 307 -4.28 -5.45 -0.81
CA TYR A 307 -5.01 -6.70 -0.67
C TYR A 307 -5.50 -7.20 -2.02
N CYS A 308 -6.00 -6.28 -2.86
CA CYS A 308 -6.51 -6.67 -4.17
C CYS A 308 -5.37 -7.15 -5.08
N TYR A 309 -4.24 -6.46 -5.07
CA TYR A 309 -3.08 -6.94 -5.82
C TYR A 309 -2.65 -8.32 -5.34
N TYR A 310 -2.76 -8.57 -4.03
CA TYR A 310 -2.37 -9.87 -3.49
C TYR A 310 -3.33 -10.96 -3.94
N ARG A 311 -4.63 -10.66 -3.98
CA ARG A 311 -5.59 -11.60 -4.54
C ARG A 311 -5.29 -11.90 -6.00
N MET A 312 -4.94 -10.85 -6.77
CA MET A 312 -4.56 -11.07 -8.17
C MET A 312 -3.32 -11.96 -8.25
N LEU A 313 -2.34 -11.71 -7.38
CA LEU A 313 -1.13 -12.53 -7.34
C LEU A 313 -1.48 -13.99 -7.02
N GLU A 314 -2.47 -14.20 -6.16
CA GLU A 314 -2.92 -15.55 -5.87
C GLU A 314 -3.50 -16.20 -7.13
N GLN A 315 -4.35 -15.47 -7.85
CA GLN A 315 -4.88 -15.98 -9.10
C GLN A 315 -3.75 -16.33 -10.08
N MET A 316 -2.71 -15.50 -10.14
CA MET A 316 -1.65 -15.71 -11.11
C MET A 316 -0.77 -16.91 -10.77
N THR A 317 -0.69 -17.32 -9.50
CA THR A 317 0.17 -18.40 -9.08
C THR A 317 -0.59 -19.70 -8.80
N SER A 318 -1.86 -19.78 -9.19
CA SER A 318 -2.65 -20.98 -8.95
C SER A 318 -2.21 -22.11 -9.89
N MET B 7 -10.81 -16.90 -21.45
CA MET B 7 -9.83 -15.83 -21.77
C MET B 7 -8.43 -16.20 -21.29
N SER B 8 -7.45 -15.35 -21.59
CA SER B 8 -6.09 -15.62 -21.20
C SER B 8 -5.92 -15.54 -19.68
N GLU B 9 -4.81 -16.07 -19.19
CA GLU B 9 -4.53 -16.02 -17.76
C GLU B 9 -4.44 -14.59 -17.26
N VAL B 10 -3.80 -13.72 -18.04
CA VAL B 10 -3.66 -12.32 -17.66
C VAL B 10 -5.03 -11.67 -17.47
N GLU B 11 -5.96 -11.96 -18.39
CA GLU B 11 -7.29 -11.36 -18.30
C GLU B 11 -8.04 -11.87 -17.08
N ARG B 12 -7.91 -13.15 -16.73
CA ARG B 12 -8.55 -13.65 -15.53
C ARG B 12 -7.94 -13.02 -14.28
N ALA B 13 -6.62 -12.83 -14.26
CA ALA B 13 -5.97 -12.13 -13.16
C ALA B 13 -6.53 -10.72 -13.01
N LEU B 14 -6.60 -9.97 -14.11
CA LEU B 14 -7.10 -8.60 -14.06
C LEU B 14 -8.56 -8.57 -13.61
N ASP B 15 -9.35 -9.55 -14.05
CA ASP B 15 -10.73 -9.66 -13.59
C ASP B 15 -10.81 -9.89 -12.10
N VAL B 16 -9.96 -10.77 -11.56
CA VAL B 16 -9.94 -10.99 -10.12
C VAL B 16 -9.62 -9.69 -9.39
N LEU B 17 -8.57 -8.99 -9.85
CA LEU B 17 -8.21 -7.72 -9.24
C LEU B 17 -9.40 -6.77 -9.21
N LEU B 18 -10.06 -6.59 -10.35
CA LEU B 18 -11.14 -5.61 -10.44
C LEU B 18 -12.33 -6.02 -9.60
N GLN B 19 -12.68 -7.31 -9.59
CA GLN B 19 -13.79 -7.78 -8.74
C GLN B 19 -13.49 -7.53 -7.27
N GLU B 20 -12.28 -7.83 -6.83
CA GLU B 20 -11.93 -7.61 -5.43
C GLU B 20 -12.02 -6.13 -5.07
N ALA B 21 -11.45 -5.26 -5.93
CA ALA B 21 -11.47 -3.84 -5.66
C ALA B 21 -12.88 -3.25 -5.71
N GLU B 22 -13.75 -3.80 -6.56
CA GLU B 22 -15.12 -3.31 -6.64
C GLU B 22 -15.94 -3.76 -5.45
N GLU B 23 -15.78 -5.03 -5.03
CA GLU B 23 -16.45 -5.48 -3.82
C GLU B 23 -16.00 -4.68 -2.60
N LEU B 24 -14.76 -4.21 -2.59
CA LEU B 24 -14.32 -3.35 -1.49
C LEU B 24 -14.47 -1.86 -1.76
N ILE B 26 -12.64 0.08 -3.38
CA ILE B 26 -11.36 0.79 -3.30
C ILE B 26 -11.41 2.03 -4.19
N GLY B 27 -11.00 3.17 -3.65
CA GLY B 27 -10.94 4.39 -4.43
C GLY B 27 -12.27 4.79 -5.05
N SER B 28 -13.36 4.59 -4.31
CA SER B 28 -14.70 4.83 -4.83
C SER B 28 -15.21 6.24 -4.54
N SER B 29 -14.50 7.03 -3.76
CA SER B 29 -14.94 8.40 -3.49
C SER B 29 -13.76 9.22 -3.00
N VAL B 30 -13.88 10.53 -3.19
CA VAL B 30 -12.93 11.50 -2.65
C VAL B 30 -13.48 11.94 -1.29
N VAL B 31 -12.80 11.57 -0.21
CA VAL B 31 -13.26 11.93 1.12
C VAL B 31 -13.26 13.45 1.25
N GLU B 32 -14.24 13.97 1.99
CA GLU B 32 -14.41 15.41 2.16
C GLU B 32 -14.27 15.76 3.64
N LEU B 33 -13.35 16.67 3.94
CA LEU B 33 -13.14 17.15 5.29
C LEU B 33 -13.45 18.64 5.34
N ASP B 34 -14.03 19.08 6.45
CA ASP B 34 -14.24 20.50 6.70
C ASP B 34 -13.19 21.09 7.64
N ARG B 35 -12.22 20.29 8.07
CA ARG B 35 -11.16 20.77 8.95
C ARG B 35 -9.89 19.98 8.65
N ILE B 36 -8.77 20.70 8.61
CA ILE B 36 -7.47 20.07 8.38
C ILE B 36 -7.28 18.94 9.38
N PRO B 37 -6.90 17.74 8.94
CA PRO B 37 -6.64 16.66 9.89
C PRO B 37 -5.29 16.82 10.55
N THR B 38 -5.08 16.05 11.62
CA THR B 38 -3.76 15.95 12.20
C THR B 38 -2.82 15.27 11.23
N ALA B 39 -1.51 15.46 11.47
CA ALA B 39 -0.50 14.75 10.70
C ALA B 39 -0.74 13.25 10.74
N LEU B 40 -1.01 12.71 11.94
CA LEU B 40 -1.22 11.27 12.09
C LEU B 40 -2.48 10.81 11.36
N GLU B 41 -3.56 11.58 11.49
CA GLU B 41 -4.78 11.27 10.74
C GLU B 41 -4.50 11.23 9.24
N PHE B 42 -3.77 12.22 8.71
CA PHE B 42 -3.51 12.24 7.28
C PHE B 42 -2.67 11.05 6.86
N CYS B 43 -1.64 10.71 7.64
CA CYS B 43 -0.79 9.57 7.31
C CYS B 43 -1.59 8.28 7.31
N ARG B 44 -2.45 8.09 8.32
CA ARG B 44 -3.15 6.83 8.47
C ARG B 44 -4.31 6.68 7.49
N GLU B 45 -5.09 7.73 7.28
CA GLU B 45 -6.32 7.61 6.52
C GLU B 45 -6.12 7.81 5.01
N PHE B 46 -5.14 8.60 4.60
CA PHE B 46 -5.03 8.99 3.20
C PHE B 46 -3.70 8.57 2.57
N TYR B 47 -2.57 8.98 3.14
CA TYR B 47 -1.28 8.59 2.56
C TYR B 47 -1.14 7.08 2.51
N SER B 48 -1.28 6.41 3.66
CA SER B 48 -1.06 4.97 3.73
C SER B 48 -2.07 4.19 2.92
N LYS B 49 -3.19 4.81 2.54
CA LYS B 49 -4.20 4.14 1.74
C LYS B 49 -4.19 4.59 0.28
N ASN B 50 -3.23 5.43 -0.12
CA ASN B 50 -3.19 5.96 -1.48
C ASN B 50 -4.57 6.50 -1.85
N GLN B 51 -5.12 7.32 -0.94
CA GLN B 51 -6.52 7.70 -0.93
C GLN B 51 -6.65 9.21 -1.04
N PRO B 52 -7.31 9.73 -2.08
CA PRO B 52 -7.43 11.19 -2.21
C PRO B 52 -8.33 11.80 -1.14
N VAL B 53 -8.10 13.08 -0.85
CA VAL B 53 -8.98 13.76 0.10
C VAL B 53 -9.04 15.25 -0.24
N VAL B 54 -10.21 15.85 -0.10
CA VAL B 54 -10.38 17.29 -0.31
C VAL B 54 -10.81 17.93 1.00
N ILE B 55 -10.11 19.00 1.38
CA ILE B 55 -10.37 19.74 2.61
C ILE B 55 -10.92 21.11 2.21
N ARG B 56 -12.11 21.43 2.70
CA ARG B 56 -12.84 22.62 2.30
C ARG B 56 -12.44 23.81 3.17
N LYS B 57 -12.17 24.94 2.52
CA LYS B 57 -11.80 26.18 3.20
C LYS B 57 -10.68 25.92 4.21
N ALA B 58 -9.67 25.15 3.79
CA ALA B 58 -8.58 24.80 4.69
C ALA B 58 -7.65 25.98 4.92
N LEU B 59 -7.40 26.78 3.88
CA LEU B 59 -6.35 27.79 3.90
C LEU B 59 -6.94 29.19 3.94
N ASN B 60 -6.33 30.06 4.74
N ASN B 60 -6.33 30.05 4.75
CA ASN B 60 -6.76 31.45 4.85
CA ASN B 60 -6.73 31.44 4.88
C ASN B 60 -5.65 32.39 4.38
C ASN B 60 -5.61 32.38 4.43
N TRP B 61 -4.79 31.91 3.49
CA TRP B 61 -3.67 32.72 3.03
C TRP B 61 -4.15 34.06 2.49
N PRO B 62 -3.40 35.15 2.70
CA PRO B 62 -3.73 36.43 2.03
C PRO B 62 -3.98 36.24 0.54
N ALA B 63 -3.15 35.40 -0.09
CA ALA B 63 -3.26 35.17 -1.52
C ALA B 63 -4.65 34.73 -1.91
N ILE B 64 -5.33 33.94 -1.07
CA ILE B 64 -6.70 33.56 -1.37
C ILE B 64 -7.57 34.82 -1.31
N GLY B 65 -8.35 35.05 -2.35
CA GLY B 65 -9.17 36.26 -2.43
C GLY B 65 -8.51 37.41 -3.15
N LYS B 66 -7.24 37.67 -2.82
CA LYS B 66 -6.56 38.82 -3.42
C LYS B 66 -6.02 38.49 -4.80
N TRP B 67 -5.29 37.39 -4.93
CA TRP B 67 -4.45 37.17 -6.10
C TRP B 67 -5.30 37.12 -7.37
N THR B 68 -5.17 38.15 -8.21
CA THR B 68 -5.78 38.15 -9.53
C THR B 68 -4.76 38.67 -10.53
N PRO B 69 -5.02 38.56 -11.84
CA PRO B 69 -4.03 39.05 -12.82
C PRO B 69 -3.63 40.51 -12.64
N LYS B 70 -4.57 41.39 -12.28
CA LYS B 70 -4.23 42.80 -12.14
C LYS B 70 -3.28 43.02 -10.97
N TYR B 71 -3.60 42.45 -9.81
CA TYR B 71 -2.69 42.57 -8.66
C TYR B 71 -1.34 41.96 -8.98
N LEU B 72 -1.32 40.89 -9.77
CA LEU B 72 -0.05 40.29 -10.16
C LEU B 72 0.78 41.25 -11.01
N ILE B 73 0.15 41.86 -12.02
CA ILE B 73 0.86 42.83 -12.85
C ILE B 73 1.42 43.94 -11.97
N GLU B 74 0.60 44.44 -11.04
CA GLU B 74 1.08 45.45 -10.10
C GLU B 74 2.30 44.95 -9.34
N ALA B 75 2.24 43.73 -8.82
CA ALA B 75 3.26 43.23 -7.92
C ALA B 75 4.58 42.95 -8.63
N LEU B 76 4.55 42.56 -9.90
CA LEU B 76 5.76 42.17 -10.61
C LEU B 76 6.21 43.18 -11.67
N GLY B 77 5.53 44.32 -11.79
CA GLY B 77 5.95 45.30 -12.79
C GLY B 77 5.92 44.77 -14.21
N ASP B 78 4.93 43.95 -14.53
CA ASP B 78 4.74 43.43 -15.88
C ASP B 78 6.01 42.75 -16.40
N ARG B 79 6.57 41.86 -15.58
CA ARG B 79 7.71 41.07 -16.00
C ARG B 79 7.33 40.15 -17.14
N SER B 80 8.34 39.74 -17.91
CA SER B 80 8.13 38.80 -19.00
C SER B 80 8.11 37.38 -18.46
N VAL B 81 7.02 36.66 -18.72
CA VAL B 81 6.81 35.33 -18.17
C VAL B 81 6.80 34.32 -19.31
N ASP B 82 7.08 33.06 -18.96
CA ASP B 82 6.95 31.96 -19.91
C ASP B 82 5.50 31.51 -19.95
N VAL B 83 4.93 31.44 -21.16
CA VAL B 83 3.53 31.09 -21.35
C VAL B 83 3.42 30.01 -22.42
N ALA B 84 2.44 29.13 -22.23
CA ALA B 84 2.14 28.04 -23.14
C ALA B 84 0.87 28.36 -23.92
N ILE B 85 0.92 28.14 -25.22
CA ILE B 85 -0.18 28.46 -26.13
C ILE B 85 -0.51 27.21 -26.94
N THR B 86 -1.81 27.00 -27.17
CA THR B 86 -2.27 25.97 -28.09
C THR B 86 -3.46 26.49 -28.87
N PRO B 87 -3.74 25.91 -30.04
CA PRO B 87 -4.91 26.34 -30.81
C PRO B 87 -6.20 25.74 -30.26
N ASN B 88 -6.11 24.54 -29.68
CA ASN B 88 -7.27 23.79 -29.27
C ASN B 88 -7.46 23.75 -27.76
N GLY B 89 -6.50 24.23 -26.98
CA GLY B 89 -6.60 24.17 -25.54
C GLY B 89 -6.17 22.87 -24.91
N TYR B 90 -5.56 21.97 -25.69
CA TYR B 90 -5.13 20.68 -25.16
C TYR B 90 -3.61 20.55 -25.21
N ALA B 91 -2.92 21.38 -24.44
CA ALA B 91 -1.49 21.19 -24.24
C ALA B 91 -1.23 19.83 -23.61
N ASP B 92 -0.17 19.16 -24.08
CA ASP B 92 0.11 17.78 -23.69
C ASP B 92 -1.11 16.90 -23.96
N GLY B 93 -1.55 16.90 -25.21
CA GLY B 93 -2.77 16.21 -25.55
C GLY B 93 -2.81 15.78 -27.00
N LEU B 94 -3.80 14.98 -27.34
CA LEU B 94 -3.85 14.39 -28.68
C LEU B 94 -4.50 15.35 -29.67
N ALA B 95 -3.97 15.34 -30.90
CA ALA B 95 -4.53 16.16 -31.98
C ALA B 95 -4.11 15.53 -33.30
N THR B 96 -4.99 15.64 -34.29
CA THR B 96 -4.75 15.04 -35.60
C THR B 96 -4.28 16.08 -36.61
N GLN B 97 -3.34 15.67 -37.44
CA GLN B 97 -2.81 16.48 -38.53
C GLN B 97 -2.28 15.53 -39.60
N ASN B 98 -2.64 15.78 -40.85
CA ASN B 98 -2.21 14.93 -41.97
C ASN B 98 -2.67 13.49 -41.78
N GLY B 99 -3.90 13.33 -41.27
CA GLY B 99 -4.46 12.01 -41.08
C GLY B 99 -3.76 11.16 -40.04
N GLN B 100 -2.90 11.75 -39.21
CA GLN B 100 -2.17 11.07 -38.17
C GLN B 100 -2.42 11.78 -36.84
N GLU B 101 -2.50 11.01 -35.76
CA GLU B 101 -2.81 11.54 -34.45
C GLU B 101 -1.54 11.61 -33.63
N TYR B 102 -1.19 12.81 -33.18
CA TYR B 102 0.02 13.07 -32.40
C TYR B 102 -0.33 13.41 -30.97
N PHE B 103 0.62 13.15 -30.07
CA PHE B 103 0.63 13.73 -28.73
C PHE B 103 1.43 15.03 -28.81
N VAL B 104 0.77 16.16 -28.55
CA VAL B 104 1.32 17.47 -28.82
C VAL B 104 1.64 18.17 -27.51
N LEU B 105 2.84 18.75 -27.44
CA LEU B 105 3.29 19.65 -26.41
C LEU B 105 2.85 21.07 -26.73
N PRO B 106 2.86 21.97 -25.75
CA PRO B 106 2.43 23.35 -26.01
C PRO B 106 3.48 24.17 -26.74
N LEU B 107 3.01 25.25 -27.35
CA LEU B 107 3.89 26.30 -27.84
C LEU B 107 4.43 27.09 -26.66
N GLU B 108 5.74 27.08 -26.48
CA GLU B 108 6.38 27.75 -25.35
C GLU B 108 6.95 29.08 -25.83
N THR B 109 6.53 30.19 -25.21
CA THR B 109 7.04 31.49 -25.60
C THR B 109 7.16 32.38 -24.36
N LYS B 110 7.66 33.60 -24.57
CA LYS B 110 7.76 34.60 -23.53
C LYS B 110 6.83 35.76 -23.84
N MET B 111 6.23 36.33 -22.81
CA MET B 111 5.15 37.30 -23.00
C MET B 111 5.01 38.16 -21.76
N LYS B 112 4.72 39.45 -21.97
CA LYS B 112 4.45 40.33 -20.85
C LYS B 112 3.12 39.95 -20.20
N LEU B 113 3.07 40.06 -18.86
CA LEU B 113 1.86 39.70 -18.13
C LEU B 113 0.65 40.44 -18.71
N SER B 114 0.83 41.69 -19.12
CA SER B 114 -0.28 42.46 -19.67
C SER B 114 -0.79 41.84 -20.96
N GLU B 115 0.12 41.40 -21.84
CA GLU B 115 -0.29 40.76 -23.08
C GLU B 115 -0.99 39.43 -22.79
N VAL B 116 -0.52 38.69 -21.77
CA VAL B 116 -1.18 37.45 -21.39
C VAL B 116 -2.61 37.74 -20.95
N VAL B 117 -2.79 38.77 -20.12
CA VAL B 117 -4.13 39.13 -19.68
C VAL B 117 -5.00 39.51 -20.87
N ARG B 118 -4.44 40.26 -21.82
CA ARG B 118 -5.20 40.63 -23.00
C ARG B 118 -5.63 39.40 -23.79
N ARG B 119 -4.71 38.43 -23.95
CA ARG B 119 -5.04 37.23 -24.71
C ARG B 119 -6.08 36.38 -23.99
N LEU B 120 -6.02 36.33 -22.66
CA LEU B 120 -7.03 35.59 -21.91
C LEU B 120 -8.42 36.19 -22.12
N ASP B 121 -8.50 37.50 -22.27
CA ASP B 121 -9.77 38.19 -22.51
C ASP B 121 -10.26 38.05 -23.94
N ASP B 122 -9.49 37.40 -24.81
CA ASP B 122 -9.89 37.23 -26.20
C ASP B 122 -10.58 35.88 -26.38
N PRO B 123 -11.91 35.83 -26.45
CA PRO B 123 -12.58 34.53 -26.60
C PRO B 123 -12.29 33.87 -27.94
N THR B 124 -11.98 34.66 -28.97
CA THR B 124 -11.70 34.12 -30.29
C THR B 124 -10.23 33.75 -30.49
N GLY B 125 -9.36 34.05 -29.52
CA GLY B 125 -7.94 33.81 -29.68
C GLY B 125 -7.53 32.42 -29.24
N ALA B 126 -6.23 32.15 -29.37
CA ALA B 126 -5.66 30.88 -28.94
C ALA B 126 -5.74 30.76 -27.41
N VAL B 127 -5.43 29.55 -26.93
CA VAL B 127 -5.52 29.24 -25.51
C VAL B 127 -4.15 29.42 -24.88
N HIS B 128 -4.09 30.24 -23.82
CA HIS B 128 -2.85 30.55 -23.12
C HIS B 128 -2.94 30.12 -21.67
N TYR B 129 -1.80 29.67 -21.12
CA TYR B 129 -1.70 29.47 -19.68
C TYR B 129 -0.27 29.71 -19.22
N ILE B 130 -0.12 30.28 -18.03
CA ILE B 130 1.19 30.45 -17.39
C ILE B 130 1.42 29.29 -16.44
N GLN B 131 2.57 28.64 -16.57
CA GLN B 131 3.01 27.55 -15.71
C GLN B 131 4.44 27.84 -15.27
N LYS B 132 4.65 28.08 -13.98
CA LYS B 132 5.95 28.48 -13.45
C LYS B 132 6.35 27.55 -12.31
N GLN B 133 7.51 26.91 -12.43
CA GLN B 133 7.92 25.87 -11.49
C GLN B 133 9.19 26.29 -10.76
N ASN B 134 9.12 26.31 -9.43
CA ASN B 134 10.29 26.46 -8.58
C ASN B 134 10.74 25.07 -8.09
N PRO B 142 9.83 36.87 -3.59
CA PRO B 142 9.58 38.32 -3.57
C PRO B 142 8.51 38.72 -2.55
N GLU B 143 7.79 39.81 -2.83
CA GLU B 143 6.68 40.20 -1.99
C GLU B 143 5.54 39.19 -2.02
N LEU B 144 5.57 38.23 -2.96
CA LEU B 144 4.50 37.25 -3.07
C LEU B 144 4.64 36.13 -2.05
N ALA B 145 5.88 35.76 -1.69
CA ALA B 145 6.08 34.71 -0.70
C ALA B 145 5.34 35.01 0.60
N ALA B 146 5.17 36.30 0.93
CA ALA B 146 4.50 36.70 2.15
C ALA B 146 2.99 36.46 2.08
N ASP B 147 2.43 36.24 0.90
CA ASP B 147 1.00 35.98 0.77
C ASP B 147 0.64 34.51 0.99
N LEU B 148 1.63 33.65 1.18
CA LEU B 148 1.41 32.24 1.41
C LEU B 148 1.99 31.84 2.77
N ARG B 149 1.70 30.61 3.18
CA ARG B 149 2.22 30.04 4.42
C ARG B 149 2.35 28.54 4.20
N VAL B 150 3.50 28.14 3.64
CA VAL B 150 3.70 26.76 3.23
C VAL B 150 3.65 25.82 4.42
N SER B 151 4.07 26.29 5.60
CA SER B 151 4.03 25.47 6.80
C SER B 151 2.62 24.97 7.11
N ASP B 152 1.59 25.65 6.61
CA ASP B 152 0.22 25.18 6.84
C ASP B 152 -0.01 23.81 6.22
N LEU B 153 0.81 23.40 5.27
CA LEU B 153 0.70 22.09 4.65
C LEU B 153 1.53 21.03 5.38
N ASP B 154 2.11 21.38 6.53
N ASP B 154 2.11 21.36 6.53
CA ASP B 154 2.92 20.42 7.28
CA ASP B 154 2.93 20.40 7.27
C ASP B 154 2.14 19.13 7.56
C ASP B 154 2.14 19.12 7.55
N PHE B 155 0.84 19.25 7.84
CA PHE B 155 0.04 18.08 8.15
C PHE B 155 0.18 16.99 7.09
N ALA B 156 0.39 17.39 5.83
CA ALA B 156 0.65 16.42 4.78
C ALA B 156 2.13 16.15 4.61
N GLN B 157 2.97 17.18 4.71
CA GLN B 157 4.38 17.00 4.44
C GLN B 157 5.02 15.99 5.38
N GLN B 158 4.51 15.89 6.61
CA GLN B 158 5.10 14.96 7.57
C GLN B 158 4.90 13.51 7.15
N SER B 159 3.87 13.21 6.35
CA SER B 159 3.76 11.88 5.78
C SER B 159 4.82 11.65 4.72
N PHE B 160 5.19 12.70 3.98
CA PHE B 160 6.22 12.59 2.96
C PHE B 160 7.61 12.74 3.56
N ASN B 161 7.73 13.45 4.67
CA ASN B 161 8.98 13.55 5.43
C ASN B 161 10.12 14.10 4.58
N LYS B 162 9.80 15.05 3.70
CA LYS B 162 10.80 15.72 2.90
C LYS B 162 10.20 17.00 2.35
N PRO B 163 11.02 17.98 2.00
CA PRO B 163 10.49 19.23 1.42
C PRO B 163 9.93 18.97 0.03
N PRO B 164 9.11 19.87 -0.49
CA PRO B 164 8.55 19.65 -1.83
C PRO B 164 9.66 19.52 -2.86
N ASP B 165 9.55 18.53 -3.73
CA ASP B 165 10.48 18.39 -4.84
C ASP B 165 10.12 19.33 -5.99
N ALA B 166 8.90 19.85 -6.03
CA ALA B 166 8.58 20.92 -6.97
C ALA B 166 7.41 21.74 -6.44
N VAL B 167 7.39 23.02 -6.80
CA VAL B 167 6.30 23.93 -6.45
C VAL B 167 5.87 24.66 -7.71
N ASN B 168 4.64 24.46 -8.15
CA ASN B 168 4.18 25.01 -9.41
C ASN B 168 3.08 26.04 -9.19
N PHE B 169 3.14 27.10 -10.01
CA PHE B 169 2.14 28.15 -10.08
C PHE B 169 1.48 28.10 -11.45
N TRP B 170 0.15 28.25 -11.47
CA TRP B 170 -0.63 28.08 -12.68
C TRP B 170 -1.69 29.15 -12.73
N LEU B 171 -1.75 29.85 -13.86
CA LEU B 171 -2.78 30.87 -14.10
C LEU B 171 -3.26 30.72 -15.52
N GLY B 172 -4.54 30.42 -15.70
CA GLY B 172 -4.97 29.97 -17.01
C GLY B 172 -6.38 30.26 -17.45
N ASP B 173 -6.51 30.18 -18.79
CA ASP B 173 -7.77 30.30 -19.51
C ASP B 173 -8.64 29.08 -19.27
N GLU B 174 -9.95 29.32 -19.20
CA GLU B 174 -10.90 28.23 -18.98
C GLU B 174 -10.80 27.17 -20.07
N ARG B 175 -10.36 27.55 -21.27
CA ARG B 175 -10.29 26.61 -22.37
C ARG B 175 -9.09 25.68 -22.30
N ALA B 176 -8.14 25.94 -21.40
CA ALA B 176 -6.99 25.06 -21.23
C ALA B 176 -7.42 23.82 -20.46
N VAL B 177 -7.34 22.67 -21.13
CA VAL B 177 -7.76 21.40 -20.55
C VAL B 177 -6.56 20.48 -20.47
N THR B 178 -6.34 19.88 -19.30
CA THR B 178 -5.25 18.95 -19.07
C THR B 178 -5.79 17.53 -19.26
N SER B 179 -5.36 16.88 -20.33
CA SER B 179 -5.85 15.55 -20.63
C SER B 179 -5.37 14.55 -19.59
N MET B 180 -6.04 13.41 -19.53
CA MET B 180 -5.84 12.49 -18.42
C MET B 180 -4.43 11.91 -18.44
N HIS B 181 -3.78 11.95 -17.28
CA HIS B 181 -2.41 11.46 -17.13
C HIS B 181 -2.19 11.07 -15.67
N LYS B 182 -1.01 10.52 -15.39
CA LYS B 182 -0.61 10.15 -14.04
C LYS B 182 0.77 10.75 -13.76
N ASP B 183 1.05 10.94 -12.47
CA ASP B 183 2.34 11.48 -12.02
C ASP B 183 2.93 10.59 -10.94
N PRO B 184 4.27 10.46 -10.90
CA PRO B 184 4.89 9.70 -9.81
C PRO B 184 5.17 10.59 -8.61
N TYR B 185 4.21 11.43 -8.26
CA TYR B 185 4.34 12.36 -7.16
C TYR B 185 3.10 12.31 -6.27
N GLU B 186 3.32 12.52 -4.97
CA GLU B 186 2.23 12.94 -4.10
C GLU B 186 1.97 14.42 -4.38
N ASN B 187 0.71 14.78 -4.60
CA ASN B 187 0.37 16.13 -5.05
C ASN B 187 -0.55 16.79 -4.05
N VAL B 188 -0.11 17.92 -3.50
CA VAL B 188 -0.94 18.75 -2.63
C VAL B 188 -1.30 20.00 -3.43
N TYR B 189 -2.58 20.12 -3.80
CA TYR B 189 -3.05 21.11 -4.75
C TYR B 189 -3.90 22.14 -4.01
N CYS B 190 -3.52 23.42 -4.12
CA CYS B 190 -4.19 24.49 -3.40
C CYS B 190 -4.64 25.54 -4.41
N VAL B 191 -5.96 25.75 -4.49
CA VAL B 191 -6.53 26.71 -5.42
C VAL B 191 -6.53 28.08 -4.77
N ILE B 192 -5.97 29.07 -5.47
CA ILE B 192 -5.86 30.43 -4.94
C ILE B 192 -7.08 31.26 -5.33
N SER B 193 -7.49 31.18 -6.59
CA SER B 193 -8.60 31.95 -7.12
C SER B 193 -9.35 31.09 -8.13
N GLY B 194 -10.67 31.08 -8.02
CA GLY B 194 -11.49 30.31 -8.93
C GLY B 194 -11.71 28.87 -8.47
N HIS B 195 -11.81 27.94 -9.41
CA HIS B 195 -11.98 26.54 -9.06
C HIS B 195 -11.36 25.66 -10.14
N LYS B 196 -10.97 24.45 -9.73
CA LYS B 196 -10.48 23.41 -10.62
C LYS B 196 -11.40 22.20 -10.55
N ASP B 197 -11.64 21.57 -11.69
CA ASP B 197 -12.47 20.37 -11.77
C ASP B 197 -11.59 19.18 -12.13
N PHE B 198 -11.50 18.20 -11.24
CA PHE B 198 -10.72 17.00 -11.44
C PHE B 198 -11.63 15.80 -11.71
N VAL B 199 -11.22 15.00 -12.69
CA VAL B 199 -11.75 13.65 -12.92
C VAL B 199 -10.62 12.70 -12.58
N LEU B 200 -10.85 11.81 -11.62
CA LEU B 200 -9.82 10.94 -11.06
C LEU B 200 -10.16 9.49 -11.32
N ILE B 201 -9.14 8.69 -11.61
CA ILE B 201 -9.32 7.25 -11.75
C ILE B 201 -8.24 6.55 -10.94
N PRO B 202 -8.60 5.55 -10.12
CA PRO B 202 -7.61 4.95 -9.24
C PRO B 202 -6.60 4.12 -10.03
N PRO B 203 -5.36 4.02 -9.55
CA PRO B 203 -4.33 3.28 -10.31
C PRO B 203 -4.72 1.86 -10.66
N HIS B 204 -5.38 1.14 -9.74
CA HIS B 204 -5.70 -0.27 -9.97
C HIS B 204 -6.70 -0.45 -11.11
N GLN B 205 -7.34 0.61 -11.58
CA GLN B 205 -8.20 0.56 -12.75
C GLN B 205 -7.44 0.82 -14.05
N LEU B 206 -6.12 0.65 -14.03
CA LEU B 206 -5.31 0.89 -15.22
C LEU B 206 -5.84 0.14 -16.43
N SER B 207 -6.25 -1.11 -16.25
CA SER B 207 -6.68 -1.92 -17.39
C SER B 207 -7.98 -1.41 -18.01
N CYS B 208 -8.71 -0.52 -17.31
CA CYS B 208 -9.91 0.08 -17.86
C CYS B 208 -9.63 1.36 -18.64
N VAL B 209 -8.39 1.85 -18.61
CA VAL B 209 -8.05 3.13 -19.20
C VAL B 209 -7.25 2.87 -20.48
N PRO B 210 -7.85 3.03 -21.67
CA PRO B 210 -7.12 2.74 -22.90
C PRO B 210 -5.96 3.70 -23.09
N ARG B 211 -4.80 3.14 -23.46
CA ARG B 211 -3.61 3.91 -23.76
C ARG B 211 -3.07 3.49 -25.11
N GLY B 212 -2.43 4.43 -25.80
CA GLY B 212 -1.86 4.18 -27.10
C GLY B 212 -0.47 4.78 -27.20
N ILE B 213 0.22 4.41 -28.27
CA ILE B 213 1.54 4.94 -28.58
C ILE B 213 1.38 5.96 -29.71
N TYR B 214 1.74 7.21 -29.44
CA TYR B 214 1.54 8.29 -30.38
C TYR B 214 2.87 8.97 -30.71
N PRO B 215 3.06 9.37 -31.97
CA PRO B 215 4.24 10.18 -32.29
C PRO B 215 4.17 11.51 -31.56
N THR B 216 5.32 11.98 -31.09
CA THR B 216 5.39 13.24 -30.36
C THR B 216 5.41 14.41 -31.33
N GLY B 217 4.72 15.48 -30.94
CA GLY B 217 4.69 16.70 -31.74
C GLY B 217 4.62 17.92 -30.84
N VAL B 218 4.83 19.09 -31.45
CA VAL B 218 4.79 20.35 -30.73
C VAL B 218 4.06 21.38 -31.59
N TYR B 219 3.29 22.25 -30.94
CA TYR B 219 2.62 23.32 -31.68
C TYR B 219 3.62 24.40 -32.07
N LYS B 220 3.50 24.89 -33.30
CA LYS B 220 4.29 26.03 -33.75
C LYS B 220 3.42 26.91 -34.63
N THR B 221 3.74 28.20 -34.66
CA THR B 221 3.02 29.16 -35.48
C THR B 221 3.89 29.53 -36.68
N SER B 222 3.26 29.73 -37.83
CA SER B 222 3.97 30.08 -39.05
C SER B 222 4.27 31.57 -39.07
N ASP B 223 4.90 32.02 -40.16
CA ASP B 223 5.16 33.45 -40.32
C ASP B 223 3.86 34.24 -40.43
N SER B 224 2.78 33.60 -40.84
CA SER B 224 1.49 34.26 -41.01
C SER B 224 0.58 34.08 -39.80
N GLY B 225 1.04 33.41 -38.74
CA GLY B 225 0.24 33.25 -37.55
C GLY B 225 -0.74 32.10 -37.60
N GLN B 226 -0.25 30.91 -37.99
CA GLN B 226 -1.07 29.73 -38.12
C GLN B 226 -0.47 28.60 -37.31
N PHE B 227 -1.29 27.94 -36.49
CA PHE B 227 -0.82 26.83 -35.68
C PHE B 227 -0.76 25.55 -36.51
N TYR B 228 0.37 24.84 -36.41
CA TYR B 228 0.53 23.52 -37.00
C TYR B 228 1.34 22.67 -36.02
N ILE B 229 1.36 21.36 -36.29
CA ILE B 229 2.07 20.40 -35.45
C ILE B 229 3.39 20.08 -36.13
N GLU B 230 4.50 20.28 -35.40
CA GLU B 230 5.83 19.96 -35.86
C GLU B 230 6.29 18.69 -35.16
N PRO B 231 6.59 17.62 -35.89
CA PRO B 231 7.11 16.41 -35.24
C PRO B 231 8.39 16.66 -34.46
N LEU B 232 8.62 15.81 -33.46
CA LEU B 232 9.85 15.82 -32.68
C LEU B 232 10.71 14.61 -33.02
N ARG B 233 12.00 14.74 -32.71
CA ARG B 233 12.96 13.64 -32.88
C ARG B 233 13.92 13.67 -31.71
N ASP B 234 14.78 12.66 -31.64
CA ASP B 234 15.71 12.52 -30.53
C ASP B 234 17.03 13.20 -30.85
N GLU B 235 18.14 12.64 -30.38
CA GLU B 235 19.45 13.11 -30.79
C GLU B 235 19.65 12.93 -32.29
N GLU B 236 19.21 11.79 -32.82
CA GLU B 236 19.26 11.53 -34.25
C GLU B 236 17.96 12.01 -34.90
N GLY B 237 17.72 11.59 -36.13
CA GLY B 237 16.48 11.90 -36.82
C GLY B 237 15.34 10.95 -36.54
N SER B 238 15.54 10.00 -35.62
CA SER B 238 14.50 9.05 -35.28
C SER B 238 13.27 9.76 -34.74
N ASP B 239 12.08 9.27 -35.12
CA ASP B 239 10.84 9.80 -34.59
C ASP B 239 10.70 9.46 -33.11
N GLN B 240 10.17 10.39 -32.34
CA GLN B 240 9.97 10.21 -30.91
C GLN B 240 8.53 9.82 -30.63
N PHE B 241 8.34 8.92 -29.66
CA PHE B 241 7.02 8.39 -29.34
C PHE B 241 6.72 8.59 -27.86
N THR B 242 5.42 8.61 -27.56
CA THR B 242 4.94 8.79 -26.19
C THR B 242 3.70 7.93 -25.99
N GLU B 243 3.65 7.20 -24.87
CA GLU B 243 2.43 6.51 -24.47
C GLU B 243 1.49 7.50 -23.80
N TRP B 244 0.20 7.39 -24.11
CA TRP B 244 -0.75 8.37 -23.62
C TRP B 244 -2.14 7.79 -23.58
N VAL B 245 -2.91 8.20 -22.58
CA VAL B 245 -4.30 7.75 -22.45
C VAL B 245 -5.09 8.20 -23.66
N SER B 246 -5.87 7.28 -24.23
CA SER B 246 -6.58 7.53 -25.47
C SER B 246 -8.00 8.06 -25.28
N VAL B 247 -8.58 7.88 -24.09
CA VAL B 247 -10.00 8.17 -23.91
C VAL B 247 -10.19 9.62 -23.47
N ASP B 248 -11.33 10.19 -23.87
CA ASP B 248 -11.76 11.48 -23.36
C ASP B 248 -12.74 11.24 -22.22
N PRO B 249 -12.38 11.53 -20.97
CA PRO B 249 -13.33 11.27 -19.87
C PRO B 249 -14.62 12.06 -19.99
N LEU B 250 -14.57 13.25 -20.60
CA LEU B 250 -15.76 14.10 -20.69
C LEU B 250 -16.79 13.55 -21.67
N SER B 251 -16.35 12.80 -22.68
CA SER B 251 -17.26 12.13 -23.62
C SER B 251 -16.54 10.91 -24.17
N PRO B 252 -16.42 9.85 -23.38
CA PRO B 252 -15.62 8.70 -23.81
C PRO B 252 -16.32 7.93 -24.93
N ASP B 253 -15.52 7.49 -25.89
CA ASP B 253 -16.02 6.67 -27.00
C ASP B 253 -16.08 5.23 -26.51
N LEU B 254 -17.21 4.87 -25.91
CA LEU B 254 -17.38 3.53 -25.35
C LEU B 254 -17.46 2.45 -26.42
N ALA B 255 -17.78 2.82 -27.66
CA ALA B 255 -17.75 1.84 -28.74
C ALA B 255 -16.32 1.43 -29.06
N LYS B 256 -15.41 2.41 -29.14
CA LYS B 256 -14.00 2.12 -29.38
C LYS B 256 -13.30 1.61 -28.13
N TYR B 257 -13.77 2.01 -26.95
CA TYR B 257 -13.10 1.71 -25.68
C TYR B 257 -14.10 1.14 -24.69
N PRO B 258 -14.65 -0.04 -24.98
CA PRO B 258 -15.68 -0.58 -24.07
C PRO B 258 -15.15 -0.87 -22.67
N GLU B 259 -13.86 -1.19 -22.54
CA GLU B 259 -13.31 -1.49 -21.22
C GLU B 259 -13.47 -0.31 -20.27
N TYR B 260 -13.45 0.91 -20.80
CA TYR B 260 -13.60 2.09 -19.96
C TYR B 260 -14.93 2.10 -19.23
N ALA B 261 -15.93 1.38 -19.73
CA ALA B 261 -17.20 1.31 -19.03
C ALA B 261 -17.02 0.74 -17.62
N ARG B 262 -15.98 -0.04 -17.40
CA ARG B 262 -15.74 -0.62 -16.09
C ARG B 262 -14.95 0.30 -15.16
N ALA B 263 -14.33 1.35 -15.70
CA ALA B 263 -13.74 2.36 -14.84
C ALA B 263 -14.83 3.14 -14.12
N LYS B 264 -14.51 3.65 -12.94
CA LYS B 264 -15.45 4.40 -12.11
C LYS B 264 -14.80 5.73 -11.74
N PRO B 265 -14.80 6.69 -12.66
CA PRO B 265 -14.13 7.97 -12.39
C PRO B 265 -14.84 8.78 -11.31
N LEU B 266 -14.04 9.57 -10.60
CA LEU B 266 -14.51 10.41 -9.52
C LEU B 266 -14.41 11.87 -9.93
N LYS B 267 -15.45 12.64 -9.68
CA LYS B 267 -15.46 14.07 -10.00
C LYS B 267 -15.34 14.87 -8.71
N VAL B 268 -14.40 15.82 -8.67
CA VAL B 268 -14.28 16.71 -7.52
C VAL B 268 -13.96 18.12 -7.99
N ARG B 269 -14.65 19.10 -7.41
CA ARG B 269 -14.40 20.51 -7.67
C ARG B 269 -13.67 21.11 -6.47
N VAL B 270 -12.52 21.72 -6.73
CA VAL B 270 -11.67 22.31 -5.71
C VAL B 270 -11.80 23.82 -5.83
N HIS B 271 -12.37 24.44 -4.81
CA HIS B 271 -12.58 25.88 -4.79
C HIS B 271 -11.40 26.60 -4.14
N ALA B 272 -11.40 27.93 -4.27
CA ALA B 272 -10.36 28.74 -3.64
C ALA B 272 -10.38 28.52 -2.13
N GLY B 273 -9.20 28.30 -1.56
CA GLY B 273 -9.07 27.92 -0.17
C GLY B 273 -9.13 26.45 0.10
N ASP B 274 -9.57 25.64 -0.88
CA ASP B 274 -9.61 24.20 -0.71
C ASP B 274 -8.24 23.59 -0.96
N ILE B 275 -8.02 22.41 -0.36
CA ILE B 275 -6.83 21.62 -0.61
C ILE B 275 -7.28 20.26 -1.15
N LEU B 276 -6.61 19.79 -2.19
CA LEU B 276 -6.83 18.43 -2.70
C LEU B 276 -5.53 17.64 -2.57
N TYR B 277 -5.59 16.51 -1.87
CA TYR B 277 -4.52 15.53 -1.89
C TYR B 277 -4.84 14.53 -2.99
N LEU B 278 -4.00 14.55 -4.03
CA LEU B 278 -4.01 13.66 -5.19
C LEU B 278 -2.86 12.66 -4.99
N PRO B 279 -3.13 11.42 -4.61
CA PRO B 279 -2.04 10.49 -4.30
C PRO B 279 -1.30 10.06 -5.55
N ASN B 280 -0.10 9.53 -5.33
CA ASN B 280 0.79 9.20 -6.43
C ASN B 280 0.14 8.18 -7.36
N TYR B 281 0.28 8.43 -8.66
CA TYR B 281 -0.12 7.56 -9.76
C TYR B 281 -1.63 7.50 -9.99
N TRP B 282 -2.40 8.36 -9.35
CA TRP B 282 -3.82 8.47 -9.68
C TRP B 282 -3.98 9.18 -11.03
N PHE B 283 -4.78 8.59 -11.91
CA PHE B 283 -5.11 9.27 -13.16
C PHE B 283 -5.93 10.52 -12.88
N HIS B 284 -5.58 11.64 -13.50
CA HIS B 284 -6.39 12.85 -13.35
C HIS B 284 -6.49 13.63 -14.66
N HIS B 285 -7.69 14.13 -14.90
CA HIS B 285 -8.04 15.02 -16.00
C HIS B 285 -8.54 16.31 -15.37
N VAL B 286 -8.05 17.46 -15.83
CA VAL B 286 -8.25 18.70 -15.10
C VAL B 286 -8.79 19.79 -16.02
N SER B 287 -9.82 20.48 -15.54
CA SER B 287 -10.37 21.68 -16.14
C SER B 287 -10.37 22.79 -15.09
N GLN B 288 -10.65 24.03 -15.50
CA GLN B 288 -10.71 25.10 -14.52
C GLN B 288 -11.55 26.26 -15.04
N SER B 289 -12.01 27.09 -14.10
CA SER B 289 -12.69 28.32 -14.42
C SER B 289 -11.72 29.31 -15.06
N HIS B 290 -12.27 30.33 -15.72
CA HIS B 290 -11.47 31.26 -16.49
C HIS B 290 -10.61 32.11 -15.56
N LYS B 291 -9.34 32.26 -15.93
CA LYS B 291 -8.37 32.98 -15.11
C LYS B 291 -8.15 32.29 -13.78
N CYS B 292 -8.23 30.96 -13.76
CA CYS B 292 -8.05 30.26 -12.50
C CYS B 292 -6.59 30.31 -12.10
N ILE B 293 -6.35 30.50 -10.80
CA ILE B 293 -5.01 30.53 -10.23
C ILE B 293 -4.89 29.40 -9.21
N ALA B 294 -3.76 28.70 -9.27
CA ALA B 294 -3.55 27.58 -8.37
C ALA B 294 -2.06 27.39 -8.14
N VAL B 295 -1.73 26.78 -7.01
CA VAL B 295 -0.34 26.42 -6.69
C VAL B 295 -0.36 25.00 -6.14
N ASN B 296 0.59 24.17 -6.57
CA ASN B 296 0.62 22.80 -6.11
C ASN B 296 2.04 22.40 -5.75
N PHE B 297 2.12 21.37 -4.92
CA PHE B 297 3.37 20.90 -4.34
C PHE B 297 3.53 19.42 -4.68
N TRP B 298 4.62 19.10 -5.38
CA TRP B 298 4.95 17.74 -5.80
C TRP B 298 6.03 17.18 -4.88
N TYR B 299 5.77 16.00 -4.32
CA TYR B 299 6.76 15.25 -3.56
C TYR B 299 7.03 13.94 -4.26
N ASP B 300 8.31 13.63 -4.47
CA ASP B 300 8.68 12.32 -4.99
C ASP B 300 8.10 11.24 -4.09
N LEU B 301 7.62 10.15 -4.70
CA LEU B 301 7.01 9.08 -3.94
C LEU B 301 8.09 8.25 -3.24
N ASP B 302 7.70 7.63 -2.14
CA ASP B 302 8.54 6.68 -1.42
C ASP B 302 8.09 5.27 -1.81
N TYR B 303 8.90 4.60 -2.62
CA TYR B 303 8.50 3.33 -3.21
C TYR B 303 8.15 2.29 -2.13
N ASP B 304 7.04 1.60 -2.33
CA ASP B 304 6.66 0.48 -1.48
C ASP B 304 6.19 -0.65 -2.40
N SER B 305 5.61 -1.69 -1.79
CA SER B 305 5.13 -2.83 -2.57
C SER B 305 4.04 -2.43 -3.55
N ARG B 306 3.27 -1.39 -3.22
CA ARG B 306 2.19 -0.96 -4.10
C ARG B 306 2.73 -0.48 -5.44
N TYR B 307 3.86 0.22 -5.44
CA TYR B 307 4.47 0.65 -6.69
C TYR B 307 4.90 -0.54 -7.54
N CYS B 308 5.44 -1.59 -6.90
CA CYS B 308 5.86 -2.76 -7.65
C CYS B 308 4.66 -3.50 -8.22
N TYR B 309 3.59 -3.63 -7.45
CA TYR B 309 2.35 -4.18 -7.99
C TYR B 309 1.90 -3.37 -9.21
N TYR B 310 2.01 -2.04 -9.13
CA TYR B 310 1.57 -1.21 -10.23
C TYR B 310 2.45 -1.40 -11.47
N ARG B 311 3.76 -1.55 -11.28
CA ARG B 311 4.64 -1.85 -12.40
C ARG B 311 4.27 -3.18 -13.04
N MET B 312 3.94 -4.18 -12.22
CA MET B 312 3.45 -5.45 -12.76
C MET B 312 2.16 -5.24 -13.56
N LEU B 313 1.24 -4.45 -13.01
CA LEU B 313 -0.01 -4.15 -13.70
C LEU B 313 0.25 -3.47 -15.04
N GLU B 314 1.23 -2.58 -15.08
CA GLU B 314 1.63 -1.95 -16.34
C GLU B 314 2.12 -2.99 -17.34
N GLN B 315 2.99 -3.90 -16.88
CA GLN B 315 3.47 -4.96 -17.76
C GLN B 315 2.32 -5.78 -18.31
N MET B 316 1.31 -6.04 -17.48
CA MET B 316 0.21 -6.90 -17.91
C MET B 316 -0.72 -6.20 -18.90
N THR B 317 -0.83 -4.88 -18.83
CA THR B 317 -1.77 -4.12 -19.64
C THR B 317 -1.03 -3.34 -20.72
N SER B 318 -0.45 -4.07 -21.67
CA SER B 318 0.32 -3.47 -22.74
C SER B 318 0.86 -4.54 -23.69
#